data_8DKN
#
_entry.id   8DKN
#
_cell.length_a   83.208
_cell.length_b   81.890
_cell.length_c   48.146
_cell.angle_alpha   90.000
_cell.angle_beta   103.790
_cell.angle_gamma   90.000
#
_symmetry.space_group_name_H-M   'C 1 2 1'
#
loop_
_entity.id
_entity.type
_entity.pdbx_description
1 polymer 'Peroxisome proliferator-activated receptor gamma'
2 polymer 'Nuclear receptor corepressor 1 peptide'
3 non-polymer 2-chloro-5-nitro-N-(pyridin-4-yl)benzamide
4 non-polymer '3-CYCLOHEXYL-1-PROPYLSULFONIC ACID'
5 non-polymer 'SULFATE ION'
6 water water
#
loop_
_entity_poly.entity_id
_entity_poly.type
_entity_poly.pdbx_seq_one_letter_code
_entity_poly.pdbx_strand_id
1 'polypeptide(L)'
;GPESADLRALAKHLYDSYIKSFPLTKAKARAILTGKTTDKSPFVIYDMNSLMMGEDKIKFKHITPLQEQSKEVAIRIFQG
CQFRSVEAVQEITEYAKSIPGFVNLDLNDQVTLLKYGVHEIIYTMLASLMNKDGVLISEGQGFMTREFLKSLRKPFGDFM
EPKFEFAVKFNALELDDSDLAIFIAVIILSGDRPGLLNVKPIEDIQDNLLQALELQLKLNHPESSQLFAKLLQKMTDLRQ
IVTEHVQLLQVIKKTETDMSLHPLLQEIYKDLY
;
A
2 'polypeptide(L)' NLGLEDIIRKALM C
#
loop_
_chem_comp.id
_chem_comp.type
_chem_comp.name
_chem_comp.formula
CXS non-polymer '3-CYCLOHEXYL-1-PROPYLSULFONIC ACID' 'C9 H19 N O3 S'
EEY non-polymer 2-chloro-5-nitro-N-(pyridin-4-yl)benzamide 'C12 H8 Cl N3 O3'
SO4 non-polymer 'SULFATE ION' 'O4 S -2'
#
# COMPACT_ATOMS: atom_id res chain seq x y z
N PRO A 2 -30.26 -1.54 -16.30
CA PRO A 2 -30.11 -3.01 -16.14
C PRO A 2 -28.65 -3.47 -16.16
N GLU A 3 -27.92 -3.11 -17.20
CA GLU A 3 -26.47 -3.31 -17.24
C GLU A 3 -25.85 -2.36 -16.19
N SER A 4 -26.25 -1.10 -16.19
CA SER A 4 -25.67 -0.13 -15.29
C SER A 4 -26.15 -0.35 -13.82
N ALA A 5 -27.35 -0.83 -13.63
CA ALA A 5 -27.80 -1.20 -12.25
C ALA A 5 -26.91 -2.30 -11.67
N ASP A 6 -26.55 -3.27 -12.50
CA ASP A 6 -25.71 -4.39 -12.03
C ASP A 6 -24.29 -3.93 -11.76
N LEU A 7 -23.83 -2.93 -12.51
CA LEU A 7 -22.55 -2.29 -12.25
C LEU A 7 -22.52 -1.54 -10.92
N ARG A 8 -23.54 -0.77 -10.64
CA ARG A 8 -23.69 -0.08 -9.38
C ARG A 8 -23.78 -1.05 -8.23
N ALA A 9 -24.46 -2.18 -8.38
CA ALA A 9 -24.62 -3.19 -7.28
C ALA A 9 -23.27 -3.86 -6.99
N LEU A 10 -22.49 -4.11 -8.05
CA LEU A 10 -21.15 -4.70 -7.89
C LEU A 10 -20.22 -3.75 -7.11
N ALA A 11 -20.28 -2.45 -7.46
CA ALA A 11 -19.60 -1.40 -6.76
C ALA A 11 -20.00 -1.41 -5.24
N LYS A 12 -21.27 -1.48 -4.97
CA LYS A 12 -21.73 -1.46 -3.60
C LYS A 12 -21.24 -2.67 -2.79
N HIS A 13 -21.34 -3.86 -3.38
CA HIS A 13 -20.93 -5.08 -2.76
C HIS A 13 -19.42 -5.00 -2.46
N LEU A 14 -18.61 -4.58 -3.44
CA LEU A 14 -17.21 -4.36 -3.19
C LEU A 14 -16.88 -3.41 -2.03
N TYR A 15 -17.66 -2.33 -1.84
CA TYR A 15 -17.37 -1.28 -0.88
C TYR A 15 -17.73 -1.84 0.54
N ASP A 16 -18.85 -2.52 0.65
CA ASP A 16 -19.25 -3.13 1.98
C ASP A 16 -18.23 -4.19 2.44
N SER A 17 -17.63 -4.87 1.46
CA SER A 17 -16.76 -5.97 1.74
C SER A 17 -15.36 -5.42 2.10
N TYR A 18 -14.93 -4.36 1.40
CA TYR A 18 -13.80 -3.50 1.79
C TYR A 18 -13.92 -2.92 3.21
N ILE A 19 -15.06 -2.37 3.48
CA ILE A 19 -15.30 -1.85 4.83
C ILE A 19 -15.11 -2.94 5.87
N LYS A 20 -15.55 -4.13 5.56
CA LYS A 20 -15.44 -5.27 6.46
C LYS A 20 -14.03 -5.88 6.55
N SER A 21 -13.21 -5.82 5.50
CA SER A 21 -11.87 -6.39 5.51
C SER A 21 -10.75 -5.43 5.99
N PHE A 22 -10.92 -4.12 5.89
CA PHE A 22 -9.83 -3.15 6.18
C PHE A 22 -10.21 -2.17 7.27
N PRO A 23 -9.92 -2.49 8.55
CA PRO A 23 -10.29 -1.50 9.59
C PRO A 23 -9.64 -0.09 9.41
N LEU A 24 -8.44 -0.04 8.83
CA LEU A 24 -7.72 1.20 8.60
C LEU A 24 -8.12 1.75 7.27
N THR A 25 -9.16 2.57 7.22
CA THR A 25 -9.67 3.06 5.94
C THR A 25 -8.97 4.33 5.59
N LYS A 26 -9.04 4.73 4.30
CA LYS A 26 -8.53 6.04 3.99
C LYS A 26 -9.23 7.14 4.80
N ALA A 27 -10.55 7.11 4.90
CA ALA A 27 -11.24 8.14 5.71
C ALA A 27 -10.68 8.23 7.17
N LYS A 28 -10.35 7.11 7.80
CA LYS A 28 -9.82 7.20 9.19
C LYS A 28 -8.42 7.78 9.24
N ALA A 29 -7.57 7.43 8.27
CA ALA A 29 -6.24 8.06 8.16
C ALA A 29 -6.28 9.57 7.88
N ARG A 30 -7.26 10.03 7.12
CA ARG A 30 -7.37 11.44 6.81
C ARG A 30 -7.91 12.21 8.01
N ALA A 31 -8.87 11.64 8.73
CA ALA A 31 -9.35 12.25 9.96
C ALA A 31 -8.23 12.45 10.92
N ILE A 32 -7.39 11.45 11.11
CA ILE A 32 -6.20 11.61 11.94
C ILE A 32 -5.32 12.74 11.43
N LEU A 33 -5.01 12.73 10.14
CA LEU A 33 -4.14 13.74 9.57
C LEU A 33 -4.65 15.16 9.63
N THR A 34 -5.95 15.34 9.41
CA THR A 34 -6.51 16.69 9.31
C THR A 34 -6.73 17.24 10.71
N GLY A 35 -7.40 16.47 11.55
CA GLY A 35 -7.72 16.92 12.91
C GLY A 35 -9.17 16.79 13.33
N LYS A 36 -10.00 16.10 12.55
CA LYS A 36 -11.37 15.78 12.96
C LYS A 36 -11.40 14.92 14.24
N THR A 37 -10.37 14.06 14.39
CA THR A 37 -10.03 13.30 15.62
C THR A 37 -10.57 13.72 17.00
N THR A 38 -10.97 12.72 17.80
CA THR A 38 -11.12 12.87 19.26
C THR A 38 -9.76 12.97 19.89
N ASP A 39 -9.00 11.87 19.81
CA ASP A 39 -7.86 11.65 20.68
C ASP A 39 -6.70 12.55 20.27
N LYS A 40 -5.77 12.79 21.20
CA LYS A 40 -4.72 13.79 21.01
C LYS A 40 -3.97 13.59 19.66
N SER A 41 -3.64 14.69 19.00
CA SER A 41 -2.96 14.67 17.68
C SER A 41 -1.67 13.83 17.69
N PRO A 42 -1.18 13.35 16.51
CA PRO A 42 0.03 12.54 16.54
C PRO A 42 1.24 13.37 16.95
N PHE A 43 2.24 12.77 17.61
CA PHE A 43 3.51 13.42 17.89
C PHE A 43 4.36 13.57 16.61
N VAL A 44 4.93 14.75 16.39
CA VAL A 44 5.67 15.02 15.17
C VAL A 44 7.17 14.81 15.38
N ILE A 45 7.77 14.03 14.51
CA ILE A 45 9.17 13.85 14.51
C ILE A 45 9.72 14.60 13.31
N TYR A 46 10.46 15.67 13.58
CA TYR A 46 11.03 16.54 12.49
C TYR A 46 12.52 16.77 12.65
N ASP A 47 13.16 16.24 13.69
CA ASP A 47 14.61 16.36 13.80
C ASP A 47 15.09 15.41 14.86
N MET A 48 16.36 15.44 15.21
CA MET A 48 16.92 14.40 16.10
C MET A 48 16.46 14.63 17.51
N ASN A 49 16.35 15.90 17.85
CA ASN A 49 15.83 16.29 19.13
C ASN A 49 14.38 15.82 19.32
N SER A 50 13.56 15.94 18.28
CA SER A 50 12.16 15.49 18.43
C SER A 50 12.11 13.95 18.39
N LEU A 51 12.94 13.33 17.54
CA LEU A 51 13.12 11.87 17.58
C LEU A 51 13.31 11.28 18.99
N MET A 52 14.23 11.89 19.75
CA MET A 52 14.67 11.33 20.98
C MET A 52 13.72 11.69 22.08
N MET A 53 13.04 12.82 21.95
CA MET A 53 11.91 13.11 22.82
C MET A 53 10.69 12.21 22.51
N GLY A 54 10.78 11.37 21.47
CA GLY A 54 9.90 10.19 21.27
C GLY A 54 10.27 8.89 22.01
N GLU A 55 9.44 8.53 22.99
CA GLU A 55 9.47 7.23 23.69
C GLU A 55 8.07 6.60 23.54
N ASP A 56 7.60 6.56 22.29
CA ASP A 56 6.24 6.12 21.94
C ASP A 56 6.32 5.10 20.81
N LYS A 57 6.67 3.86 21.17
CA LYS A 57 6.95 2.81 20.19
C LYS A 57 6.65 1.44 20.76
N PRO A 65 15.33 -3.78 19.87
CA PRO A 65 16.20 -2.70 20.34
C PRO A 65 17.70 -2.89 20.02
N LEU A 66 18.14 -4.14 19.82
CA LEU A 66 19.56 -4.53 19.94
C LEU A 66 20.40 -4.49 18.63
N GLN A 67 21.71 -4.64 18.80
CA GLN A 67 22.67 -3.78 18.11
C GLN A 67 22.97 -4.18 16.66
N GLU A 68 22.26 -3.55 15.73
CA GLU A 68 22.47 -3.84 14.30
C GLU A 68 23.78 -3.27 13.73
N GLN A 69 24.38 -4.03 12.81
CA GLN A 69 25.71 -3.75 12.27
C GLN A 69 25.61 -3.13 10.89
N SER A 70 26.44 -2.11 10.63
CA SER A 70 26.40 -1.26 9.43
C SER A 70 25.92 -1.94 8.16
N LYS A 71 26.60 -3.01 7.72
CA LYS A 71 26.21 -3.62 6.44
C LYS A 71 24.95 -4.52 6.47
N GLU A 72 24.26 -4.61 7.62
CA GLU A 72 22.95 -5.24 7.71
C GLU A 72 21.75 -4.33 8.07
N VAL A 73 21.99 -3.06 8.37
CA VAL A 73 20.92 -2.22 8.91
C VAL A 73 19.72 -2.15 7.94
N ALA A 74 20.00 -1.96 6.65
CA ALA A 74 18.98 -1.76 5.63
C ALA A 74 18.17 -3.02 5.33
N ILE A 75 18.90 -4.13 5.15
CA ILE A 75 18.30 -5.42 4.90
C ILE A 75 17.35 -5.78 6.02
N ARG A 76 17.81 -5.60 7.27
CA ARG A 76 17.01 -5.86 8.44
C ARG A 76 15.81 -4.93 8.56
N ILE A 77 15.88 -3.72 8.02
CA ILE A 77 14.69 -2.87 7.90
C ILE A 77 13.67 -3.45 6.91
N PHE A 78 14.11 -3.71 5.70
CA PHE A 78 13.29 -4.36 4.72
C PHE A 78 12.62 -5.67 5.16
N GLN A 79 13.33 -6.50 5.89
CA GLN A 79 12.78 -7.75 6.37
C GLN A 79 11.75 -7.42 7.41
N GLY A 80 12.12 -6.48 8.27
CA GLY A 80 11.25 -6.01 9.35
C GLY A 80 9.93 -5.47 8.86
N CYS A 81 9.94 -4.65 7.83
CA CYS A 81 8.71 -4.05 7.33
C CYS A 81 7.84 -5.06 6.57
N GLN A 82 8.46 -6.01 5.85
CA GLN A 82 7.75 -7.07 5.17
C GLN A 82 7.09 -8.06 6.14
N PHE A 83 7.83 -8.49 7.13
CA PHE A 83 7.19 -9.30 8.16
C PHE A 83 6.04 -8.57 8.91
N ARG A 84 6.21 -7.29 9.25
CA ARG A 84 5.09 -6.48 9.82
C ARG A 84 3.89 -6.24 8.88
N SER A 85 4.07 -6.46 7.57
CA SER A 85 3.00 -6.40 6.59
C SER A 85 2.02 -7.58 6.58
N VAL A 86 2.32 -8.65 7.27
CA VAL A 86 1.42 -9.82 7.25
C VAL A 86 -0.07 -9.53 7.55
N GLU A 87 -0.38 -8.74 8.58
CA GLU A 87 -1.78 -8.35 8.82
C GLU A 87 -2.42 -7.74 7.56
N ALA A 88 -1.72 -6.81 6.95
CA ALA A 88 -2.18 -6.25 5.67
C ALA A 88 -2.42 -7.27 4.55
N VAL A 89 -1.49 -8.17 4.39
CA VAL A 89 -1.62 -9.29 3.45
C VAL A 89 -2.85 -10.16 3.73
N GLN A 90 -3.13 -10.40 5.03
CA GLN A 90 -4.29 -11.20 5.36
C GLN A 90 -5.57 -10.47 5.07
N GLU A 91 -5.62 -9.17 5.30
CA GLU A 91 -6.82 -8.35 5.01
C GLU A 91 -7.06 -8.28 3.50
N ILE A 92 -6.03 -8.01 2.72
CA ILE A 92 -6.19 -8.07 1.26
C ILE A 92 -6.64 -9.46 0.76
N THR A 93 -6.11 -10.53 1.36
CA THR A 93 -6.61 -11.89 1.03
C THR A 93 -8.07 -12.04 1.42
N GLU A 94 -8.47 -11.47 2.55
CA GLU A 94 -9.87 -11.52 2.98
C GLU A 94 -10.77 -10.77 1.99
N TYR A 95 -10.39 -9.56 1.64
CA TYR A 95 -11.10 -8.78 0.65
C TYR A 95 -11.22 -9.51 -0.67
N ALA A 96 -10.12 -10.11 -1.10
CA ALA A 96 -10.06 -10.83 -2.40
C ALA A 96 -11.07 -11.98 -2.54
N LYS A 97 -11.32 -12.69 -1.43
CA LYS A 97 -12.28 -13.77 -1.45
C LYS A 97 -13.68 -13.25 -1.69
N SER A 98 -13.93 -12.01 -1.30
CA SER A 98 -15.23 -11.36 -1.56
C SER A 98 -15.49 -10.87 -3.00
N ILE A 99 -14.48 -10.87 -3.86
CA ILE A 99 -14.63 -10.37 -5.25
C ILE A 99 -15.30 -11.43 -6.07
N PRO A 100 -16.48 -11.13 -6.69
CA PRO A 100 -17.16 -12.23 -7.30
C PRO A 100 -16.38 -12.92 -8.39
N GLY A 101 -16.34 -14.24 -8.27
CA GLY A 101 -15.66 -15.10 -9.21
C GLY A 101 -14.25 -15.45 -8.73
N PHE A 102 -13.81 -14.89 -7.60
CA PHE A 102 -12.38 -15.06 -7.22
C PHE A 102 -12.07 -16.47 -6.70
N VAL A 103 -12.84 -16.88 -5.71
CA VAL A 103 -12.67 -18.19 -5.07
C VAL A 103 -12.99 -19.33 -6.06
N ASN A 104 -13.90 -19.09 -6.98
CA ASN A 104 -14.06 -19.94 -8.17
C ASN A 104 -12.81 -20.13 -9.03
N LEU A 105 -11.82 -19.26 -8.94
CA LEU A 105 -10.60 -19.47 -9.72
C LEU A 105 -9.77 -20.64 -9.17
N ASP A 106 -8.91 -21.17 -10.02
CA ASP A 106 -8.02 -22.28 -9.65
C ASP A 106 -7.16 -21.83 -8.47
N LEU A 107 -7.19 -22.59 -7.37
CA LEU A 107 -6.51 -22.18 -6.14
C LEU A 107 -5.11 -21.70 -6.41
N ASN A 108 -4.43 -22.28 -7.39
CA ASN A 108 -3.08 -21.85 -7.70
C ASN A 108 -3.01 -20.41 -8.23
N ASP A 109 -4.04 -20.01 -8.94
CA ASP A 109 -4.08 -18.68 -9.53
C ASP A 109 -4.51 -17.62 -8.51
N GLN A 110 -5.36 -17.99 -7.55
CA GLN A 110 -5.67 -17.11 -6.45
C GLN A 110 -4.37 -16.70 -5.75
N VAL A 111 -3.56 -17.69 -5.35
CA VAL A 111 -2.29 -17.43 -4.63
C VAL A 111 -1.39 -16.57 -5.47
N THR A 112 -1.25 -16.91 -6.74
CA THR A 112 -0.37 -16.17 -7.60
C THR A 112 -0.74 -14.69 -7.62
N LEU A 113 -2.01 -14.41 -7.92
CA LEU A 113 -2.47 -13.04 -8.05
C LEU A 113 -2.28 -12.23 -6.78
N LEU A 114 -2.51 -12.85 -5.62
CA LEU A 114 -2.24 -12.17 -4.35
C LEU A 114 -0.77 -11.92 -4.06
N LYS A 115 0.09 -12.93 -4.26
CA LYS A 115 1.53 -12.86 -4.16
C LYS A 115 2.12 -11.67 -4.93
N TYR A 116 1.61 -11.34 -6.11
CA TYR A 116 2.09 -10.12 -6.80
C TYR A 116 1.32 -8.84 -6.36
N GLY A 117 0.01 -8.90 -6.38
CA GLY A 117 -0.80 -7.72 -6.14
C GLY A 117 -0.67 -7.11 -4.75
N VAL A 118 -0.37 -7.94 -3.78
CA VAL A 118 -0.23 -7.52 -2.38
C VAL A 118 0.77 -6.34 -2.19
N HIS A 119 1.90 -6.38 -2.88
CA HIS A 119 2.87 -5.23 -2.85
C HIS A 119 2.34 -3.90 -3.36
N GLU A 120 1.61 -3.96 -4.46
CA GLU A 120 1.00 -2.77 -5.06
C GLU A 120 -0.12 -2.18 -4.21
N ILE A 121 -0.88 -3.03 -3.55
CA ILE A 121 -1.99 -2.58 -2.76
C ILE A 121 -1.43 -1.95 -1.51
N ILE A 122 -0.36 -2.50 -1.00
CA ILE A 122 0.30 -1.94 0.18
C ILE A 122 0.77 -0.51 -0.03
N TYR A 123 1.21 -0.14 -1.27
CA TYR A 123 1.59 1.18 -1.52
C TYR A 123 0.43 2.13 -1.64
N THR A 124 -0.72 1.60 -2.06
CA THR A 124 -1.96 2.30 -2.05
C THR A 124 -2.35 2.59 -0.57
N MET A 125 -2.13 1.61 0.33
CA MET A 125 -2.45 1.80 1.77
C MET A 125 -1.53 2.87 2.39
N LEU A 126 -0.25 2.81 2.08
CA LEU A 126 0.72 3.82 2.43
C LEU A 126 0.36 5.24 1.97
N ALA A 127 -0.08 5.42 0.72
CA ALA A 127 -0.50 6.77 0.28
C ALA A 127 -1.59 7.37 1.20
N SER A 128 -2.48 6.54 1.71
CA SER A 128 -3.46 7.02 2.67
C SER A 128 -2.86 7.66 3.91
N LEU A 129 -1.71 7.13 4.33
CA LEU A 129 -0.98 7.55 5.49
C LEU A 129 -0.12 8.79 5.27
N MET A 130 0.08 9.19 4.00
CA MET A 130 0.95 10.26 3.63
C MET A 130 0.26 11.54 3.24
N ASN A 131 0.92 12.68 3.52
CA ASN A 131 0.60 13.92 2.77
C ASN A 131 1.93 14.50 2.33
N LYS A 132 1.93 15.73 1.83
CA LYS A 132 3.12 16.34 1.20
C LYS A 132 4.21 16.61 2.22
N ASP A 133 3.80 16.73 3.50
CA ASP A 133 4.74 16.95 4.60
C ASP A 133 5.25 15.73 5.34
N GLY A 134 4.59 14.57 5.26
CA GLY A 134 5.13 13.39 5.93
C GLY A 134 4.19 12.21 6.04
N VAL A 135 4.46 11.30 6.98
CA VAL A 135 3.76 10.03 7.04
C VAL A 135 3.39 9.63 8.49
N LEU A 136 2.19 9.10 8.65
CA LEU A 136 1.77 8.52 9.96
C LEU A 136 2.58 7.27 10.30
N ILE A 137 2.91 7.10 11.57
CA ILE A 137 3.65 5.94 12.02
C ILE A 137 3.12 5.49 13.38
N SER A 138 3.53 4.31 13.80
CA SER A 138 3.26 3.80 15.14
C SER A 138 1.81 3.83 15.40
N GLU A 139 1.08 3.16 14.49
CA GLU A 139 -0.37 3.03 14.57
C GLU A 139 -1.05 4.39 14.65
N GLY A 140 -0.57 5.32 13.83
CA GLY A 140 -1.16 6.66 13.79
C GLY A 140 -0.93 7.63 14.95
N GLN A 141 -0.08 7.26 15.93
CA GLN A 141 0.34 8.14 17.05
C GLN A 141 1.49 9.07 16.73
N GLY A 142 2.20 8.85 15.64
CA GLY A 142 3.29 9.75 15.34
C GLY A 142 3.26 10.10 13.87
N PHE A 143 4.02 11.12 13.55
CA PHE A 143 4.10 11.64 12.21
C PHE A 143 5.57 12.02 11.97
N MET A 144 6.17 11.42 10.94
CA MET A 144 7.58 11.61 10.55
C MET A 144 7.59 12.53 9.37
N THR A 145 8.38 13.59 9.36
CA THR A 145 8.36 14.52 8.22
C THR A 145 9.07 13.99 6.99
N ARG A 146 8.53 14.39 5.84
CA ARG A 146 9.19 14.15 4.56
C ARG A 146 10.60 14.74 4.50
N GLU A 147 10.73 16.01 4.90
CA GLU A 147 12.02 16.71 4.89
C GLU A 147 13.10 15.99 5.75
N PHE A 148 12.73 15.52 6.94
CA PHE A 148 13.64 14.81 7.80
C PHE A 148 14.08 13.48 7.19
N LEU A 149 13.13 12.73 6.62
CA LEU A 149 13.45 11.46 5.95
C LEU A 149 14.46 11.67 4.87
N LYS A 150 14.21 12.71 4.09
CA LYS A 150 15.01 12.98 2.92
C LYS A 150 16.40 13.45 3.31
N SER A 151 16.55 13.98 4.54
CA SER A 151 17.78 14.63 4.95
C SER A 151 18.83 13.59 5.28
N LEU A 152 18.37 12.41 5.72
CA LEU A 152 19.21 11.38 6.30
C LEU A 152 20.24 10.83 5.31
N ARG A 153 21.16 10.07 5.88
CA ARG A 153 22.44 9.73 5.28
C ARG A 153 22.41 8.75 4.13
N LYS A 154 23.57 8.64 3.51
CA LYS A 154 24.04 7.40 2.86
C LYS A 154 23.06 7.03 1.75
N PRO A 155 22.41 5.83 1.81
CA PRO A 155 21.34 5.57 0.84
C PRO A 155 19.91 5.84 1.38
N PHE A 156 19.79 6.13 2.68
CA PHE A 156 18.50 6.10 3.39
C PHE A 156 17.62 7.28 3.01
N GLY A 157 18.24 8.38 2.57
CA GLY A 157 17.53 9.57 2.19
C GLY A 157 16.68 9.39 0.98
N ASP A 158 17.03 8.40 0.17
CA ASP A 158 16.27 8.12 -1.06
C ASP A 158 15.34 6.92 -1.00
N PHE A 159 15.09 6.42 0.20
CA PHE A 159 14.14 5.34 0.40
C PHE A 159 12.73 5.82 0.14
N MET A 160 12.36 6.90 0.79
CA MET A 160 10.96 7.26 0.87
C MET A 160 10.52 8.35 -0.07
N GLU A 161 11.47 9.15 -0.56
CA GLU A 161 11.14 10.32 -1.36
C GLU A 161 10.34 10.00 -2.62
N PRO A 162 10.74 8.93 -3.37
CA PRO A 162 9.90 8.46 -4.50
C PRO A 162 8.51 7.90 -4.13
N LYS A 163 8.36 7.37 -2.91
CA LYS A 163 7.02 6.96 -2.46
C LYS A 163 6.19 8.23 -2.20
N PHE A 164 6.77 9.25 -1.53
CA PHE A 164 6.07 10.55 -1.35
C PHE A 164 5.61 11.14 -2.64
N GLU A 165 6.51 11.13 -3.61
CA GLU A 165 6.23 11.64 -4.93
C GLU A 165 4.98 11.03 -5.59
N PHE A 166 4.94 9.68 -5.61
CA PHE A 166 3.72 8.96 -6.01
C PHE A 166 2.46 9.34 -5.17
N ALA A 167 2.58 9.32 -3.84
CA ALA A 167 1.41 9.53 -2.95
C ALA A 167 0.75 10.88 -3.19
N VAL A 168 1.56 11.92 -3.24
CA VAL A 168 1.11 13.25 -3.61
C VAL A 168 0.39 13.26 -4.96
N LYS A 169 0.97 12.69 -6.03
CA LYS A 169 0.17 12.59 -7.29
C LYS A 169 -1.11 11.70 -7.18
N PHE A 170 -1.01 10.53 -6.56
CA PHE A 170 -2.16 9.65 -6.30
C PHE A 170 -3.23 10.29 -5.41
N ASN A 171 -2.83 10.91 -4.30
CA ASN A 171 -3.79 11.62 -3.42
C ASN A 171 -4.47 12.84 -4.00
N ALA A 172 -3.82 13.50 -4.97
CA ALA A 172 -4.46 14.53 -5.79
C ALA A 172 -5.65 14.10 -6.61
N LEU A 173 -5.74 12.81 -6.97
CA LEU A 173 -6.97 12.29 -7.59
C LEU A 173 -8.20 12.34 -6.66
N GLU A 174 -7.98 12.42 -5.34
CA GLU A 174 -9.06 12.52 -4.33
C GLU A 174 -10.00 11.35 -4.41
N LEU A 175 -9.46 10.14 -4.32
CA LEU A 175 -10.29 8.98 -4.39
C LEU A 175 -10.82 8.81 -2.98
N ASP A 176 -12.00 8.29 -2.82
CA ASP A 176 -12.48 7.92 -1.48
C ASP A 176 -12.48 6.38 -1.37
N ASP A 177 -12.90 5.86 -0.21
CA ASP A 177 -12.90 4.45 0.05
C ASP A 177 -13.78 3.66 -0.89
N SER A 178 -14.93 4.19 -1.34
CA SER A 178 -15.72 3.49 -2.27
C SER A 178 -15.07 3.40 -3.69
N ASP A 179 -14.30 4.39 -4.08
CA ASP A 179 -13.55 4.26 -5.39
C ASP A 179 -12.41 3.23 -5.18
N LEU A 180 -11.70 3.36 -4.05
CA LEU A 180 -10.50 2.51 -3.76
C LEU A 180 -10.75 1.00 -3.76
N ALA A 181 -11.97 0.59 -3.39
CA ALA A 181 -12.33 -0.83 -3.33
C ALA A 181 -12.28 -1.41 -4.71
N ILE A 182 -12.78 -0.64 -5.67
CA ILE A 182 -12.92 -1.14 -7.00
C ILE A 182 -11.53 -1.13 -7.60
N PHE A 183 -10.88 -0.01 -7.49
CA PHE A 183 -9.50 0.09 -7.95
C PHE A 183 -8.62 -1.08 -7.50
N ILE A 184 -8.78 -1.46 -6.23
CA ILE A 184 -7.99 -2.53 -5.62
C ILE A 184 -8.43 -3.87 -6.14
N ALA A 185 -9.73 -4.07 -6.44
CA ALA A 185 -10.19 -5.30 -6.98
C ALA A 185 -9.58 -5.44 -8.42
N VAL A 186 -9.49 -4.32 -9.10
CA VAL A 186 -8.88 -4.32 -10.50
C VAL A 186 -7.44 -4.78 -10.49
N ILE A 187 -6.64 -4.28 -9.53
CA ILE A 187 -5.20 -4.57 -9.40
C ILE A 187 -4.99 -6.07 -9.18
N ILE A 188 -5.77 -6.60 -8.24
CA ILE A 188 -5.71 -7.99 -7.98
C ILE A 188 -5.97 -8.88 -9.20
N LEU A 189 -7.01 -8.59 -9.99
CA LEU A 189 -7.36 -9.40 -11.11
C LEU A 189 -6.61 -8.97 -12.35
N SER A 190 -5.29 -8.96 -12.27
CA SER A 190 -4.46 -8.55 -13.39
C SER A 190 -4.05 -9.80 -14.17
N GLY A 191 -4.54 -9.95 -15.40
CA GLY A 191 -4.25 -11.12 -16.26
C GLY A 191 -2.78 -11.43 -16.56
N ASP A 192 -1.91 -10.42 -16.51
CA ASP A 192 -0.48 -10.56 -16.85
C ASP A 192 0.50 -11.10 -15.79
N ARG A 193 0.06 -11.54 -14.60
CA ARG A 193 1.04 -11.99 -13.59
C ARG A 193 1.89 -13.21 -14.09
N PRO A 194 3.16 -13.31 -13.70
CA PRO A 194 3.96 -14.52 -13.97
C PRO A 194 3.37 -15.83 -13.40
N GLY A 195 3.28 -16.87 -14.25
CA GLY A 195 2.92 -18.24 -13.86
C GLY A 195 1.45 -18.59 -13.76
N LEU A 196 0.57 -17.70 -14.26
CA LEU A 196 -0.88 -17.97 -14.23
C LEU A 196 -1.29 -19.07 -15.19
N LEU A 197 -2.01 -20.06 -14.68
CA LEU A 197 -2.46 -21.21 -15.45
C LEU A 197 -3.49 -20.79 -16.50
N ASN A 198 -4.56 -20.14 -16.06
CA ASN A 198 -5.71 -19.76 -16.91
C ASN A 198 -6.02 -18.24 -16.95
N VAL A 199 -5.37 -17.54 -17.89
CA VAL A 199 -5.38 -16.07 -18.03
C VAL A 199 -6.60 -15.58 -18.82
N LYS A 200 -7.81 -15.97 -18.42
CA LYS A 200 -8.99 -15.56 -19.19
C LYS A 200 -10.25 -15.47 -18.39
N PRO A 201 -10.55 -16.46 -17.55
CA PRO A 201 -11.55 -16.16 -16.53
C PRO A 201 -11.14 -14.95 -15.64
N ILE A 202 -9.83 -14.78 -15.44
CA ILE A 202 -9.25 -13.63 -14.76
C ILE A 202 -9.47 -12.32 -15.54
N GLU A 203 -9.12 -12.30 -16.82
CA GLU A 203 -9.32 -11.12 -17.66
C GLU A 203 -10.80 -10.76 -17.75
N ASP A 204 -11.70 -11.75 -17.68
CA ASP A 204 -13.14 -11.50 -17.77
C ASP A 204 -13.74 -10.87 -16.50
N ILE A 205 -13.28 -11.29 -15.32
CA ILE A 205 -13.71 -10.62 -14.10
C ILE A 205 -13.16 -9.18 -14.13
N GLN A 206 -11.87 -9.02 -14.45
CA GLN A 206 -11.28 -7.68 -14.53
C GLN A 206 -12.04 -6.68 -15.40
N ASP A 207 -12.44 -7.10 -16.60
CA ASP A 207 -13.20 -6.26 -17.56
C ASP A 207 -14.51 -5.80 -16.99
N ASN A 208 -15.17 -6.71 -16.28
CA ASN A 208 -16.37 -6.39 -15.59
C ASN A 208 -16.08 -5.39 -14.48
N LEU A 209 -15.01 -5.65 -13.73
CA LEU A 209 -14.51 -4.70 -12.72
C LEU A 209 -14.11 -3.32 -13.32
N LEU A 210 -13.52 -3.28 -14.52
CA LEU A 210 -13.22 -2.00 -15.16
C LEU A 210 -14.45 -1.21 -15.54
N GLN A 211 -15.49 -1.88 -15.96
CA GLN A 211 -16.70 -1.18 -16.29
C GLN A 211 -17.29 -0.55 -15.05
N ALA A 212 -17.39 -1.34 -13.98
CA ALA A 212 -17.94 -0.80 -12.73
C ALA A 212 -17.09 0.38 -12.25
N LEU A 213 -15.78 0.22 -12.29
CA LEU A 213 -14.94 1.34 -11.96
C LEU A 213 -15.20 2.55 -12.82
N GLU A 214 -15.26 2.39 -14.15
CA GLU A 214 -15.52 3.51 -15.02
C GLU A 214 -16.80 4.22 -14.65
N LEU A 215 -17.88 3.48 -14.42
CA LEU A 215 -19.12 4.06 -13.94
C LEU A 215 -19.01 4.73 -12.58
N GLN A 216 -18.25 4.12 -11.68
CA GLN A 216 -18.11 4.65 -10.33
C GLN A 216 -17.46 6.03 -10.31
N LEU A 217 -16.51 6.24 -11.21
CA LEU A 217 -15.86 7.52 -11.29
C LEU A 217 -16.78 8.58 -11.94
N LYS A 218 -17.63 8.18 -12.87
CA LYS A 218 -18.63 9.06 -13.46
C LYS A 218 -19.62 9.53 -12.42
N LEU A 219 -20.12 8.61 -11.62
CA LEU A 219 -21.12 8.96 -10.64
C LEU A 219 -20.52 9.75 -9.49
N ASN A 220 -19.29 9.39 -9.10
CA ASN A 220 -18.73 9.91 -7.84
C ASN A 220 -17.95 11.16 -8.01
N HIS A 221 -17.46 11.39 -9.24
CA HIS A 221 -16.62 12.51 -9.55
C HIS A 221 -17.05 13.09 -10.89
N PRO A 222 -18.31 13.52 -10.97
CA PRO A 222 -18.89 13.97 -12.26
C PRO A 222 -18.22 15.19 -12.90
N GLU A 223 -17.51 15.99 -12.12
CA GLU A 223 -16.73 17.15 -12.58
C GLU A 223 -15.41 16.82 -13.23
N SER A 224 -14.85 15.64 -12.99
CA SER A 224 -13.42 15.41 -13.23
C SER A 224 -13.02 15.02 -14.66
N SER A 225 -11.71 15.10 -14.92
CA SER A 225 -11.16 15.12 -16.28
C SER A 225 -10.11 13.99 -16.55
N GLN A 226 -10.50 12.99 -17.33
CA GLN A 226 -9.75 11.76 -17.50
C GLN A 226 -9.42 11.08 -16.21
N LEU A 227 -10.30 11.20 -15.22
CA LEU A 227 -9.99 10.58 -13.93
C LEU A 227 -9.77 9.07 -14.16
N PHE A 228 -10.63 8.45 -14.96
CA PHE A 228 -10.49 7.02 -15.24
C PHE A 228 -9.11 6.68 -15.80
N ALA A 229 -8.70 7.39 -16.86
CA ALA A 229 -7.35 7.18 -17.43
C ALA A 229 -6.20 7.54 -16.50
N LYS A 230 -6.33 8.65 -15.75
CA LYS A 230 -5.28 9.00 -14.80
C LYS A 230 -5.13 7.90 -13.77
N LEU A 231 -6.25 7.31 -13.35
CA LEU A 231 -6.20 6.28 -12.32
C LEU A 231 -5.63 4.99 -12.87
N LEU A 232 -5.98 4.63 -14.11
CA LEU A 232 -5.36 3.44 -14.74
C LEU A 232 -3.85 3.60 -14.94
N GLN A 233 -3.38 4.82 -15.20
CA GLN A 233 -1.93 5.10 -15.25
C GLN A 233 -1.22 4.81 -13.95
N LYS A 234 -1.90 5.05 -12.82
CA LYS A 234 -1.31 4.81 -11.53
C LYS A 234 -0.96 3.37 -11.29
N MET A 235 -1.67 2.44 -11.96
CA MET A 235 -1.34 1.02 -11.85
C MET A 235 0.05 0.77 -12.36
N THR A 236 0.40 1.42 -13.46
CA THR A 236 1.77 1.38 -13.94
C THR A 236 2.77 1.96 -12.93
N ASP A 237 2.46 3.13 -12.38
CA ASP A 237 3.31 3.75 -11.36
C ASP A 237 3.52 2.83 -10.17
N LEU A 238 2.45 2.15 -9.74
CA LEU A 238 2.56 1.19 -8.64
C LEU A 238 3.54 0.06 -8.93
N ARG A 239 3.46 -0.53 -10.13
CA ARG A 239 4.39 -1.62 -10.51
C ARG A 239 5.83 -1.15 -10.49
N GLN A 240 6.05 0.07 -11.00
CA GLN A 240 7.41 0.69 -11.00
C GLN A 240 7.95 0.91 -9.60
N ILE A 241 7.13 1.38 -8.67
CA ILE A 241 7.62 1.48 -7.26
C ILE A 241 8.09 0.10 -6.79
N VAL A 242 7.27 -0.94 -7.04
CA VAL A 242 7.65 -2.31 -6.62
C VAL A 242 8.96 -2.71 -7.30
N THR A 243 9.05 -2.61 -8.64
CA THR A 243 10.31 -2.99 -9.31
C THR A 243 11.48 -2.11 -8.93
N GLU A 244 11.27 -0.83 -8.67
CA GLU A 244 12.35 0.03 -8.18
C GLU A 244 12.95 -0.49 -6.88
N HIS A 245 12.23 -1.31 -6.12
CA HIS A 245 12.78 -1.82 -4.90
C HIS A 245 13.98 -2.76 -5.17
N VAL A 246 13.98 -3.45 -6.31
CA VAL A 246 15.10 -4.34 -6.63
C VAL A 246 16.40 -3.53 -6.83
N GLN A 247 16.27 -2.38 -7.49
CA GLN A 247 17.43 -1.55 -7.79
C GLN A 247 18.05 -1.00 -6.50
N LEU A 248 17.18 -0.45 -5.65
CA LEU A 248 17.52 -0.03 -4.28
C LEU A 248 18.33 -1.08 -3.53
N LEU A 249 17.94 -2.35 -3.67
CA LEU A 249 18.65 -3.46 -3.02
C LEU A 249 20.09 -3.60 -3.50
N GLN A 250 20.31 -3.34 -4.79
CA GLN A 250 21.64 -3.35 -5.37
C GLN A 250 22.50 -2.24 -4.76
N VAL A 251 21.96 -1.01 -4.76
CA VAL A 251 22.60 0.16 -4.14
C VAL A 251 23.09 -0.09 -2.70
N ILE A 252 22.29 -0.75 -1.88
CA ILE A 252 22.76 -1.11 -0.54
C ILE A 252 24.01 -1.99 -0.63
N LYS A 253 23.96 -3.04 -1.44
CA LYS A 253 25.00 -4.09 -1.51
C LYS A 253 26.43 -3.55 -1.77
N LYS A 254 26.53 -2.39 -2.43
CA LYS A 254 27.81 -1.74 -2.67
C LYS A 254 27.69 -0.21 -2.52
N THR A 255 27.44 0.23 -1.29
CA THR A 255 27.47 1.66 -0.91
C THR A 255 28.88 2.01 -0.32
N GLU A 256 29.32 3.25 -0.55
CA GLU A 256 30.37 3.89 0.25
C GLU A 256 29.82 4.05 1.70
N THR A 257 30.04 3.00 2.49
CA THR A 257 29.83 2.94 3.96
C THR A 257 30.09 4.28 4.71
N ASP A 258 29.54 4.51 5.90
CA ASP A 258 28.78 3.55 6.70
C ASP A 258 27.28 3.79 6.66
N MET A 259 26.58 2.79 7.16
CA MET A 259 25.13 2.75 7.14
C MET A 259 24.66 2.45 8.54
N SER A 260 25.33 3.03 9.53
CA SER A 260 24.78 3.04 10.87
C SER A 260 23.58 3.96 10.75
N LEU A 261 22.68 3.84 11.70
CA LEU A 261 21.46 4.62 11.70
C LEU A 261 20.87 4.49 13.08
N HIS A 262 20.48 5.59 13.69
CA HIS A 262 19.99 5.54 15.06
C HIS A 262 18.85 4.49 15.22
N PRO A 263 18.93 3.63 16.26
CA PRO A 263 17.88 2.64 16.48
C PRO A 263 16.49 3.14 16.18
N LEU A 264 16.10 4.27 16.79
CA LEU A 264 14.75 4.81 16.65
C LEU A 264 14.39 5.07 15.19
N LEU A 265 15.37 5.45 14.36
CA LEU A 265 15.14 5.58 12.94
C LEU A 265 14.89 4.25 12.25
N GLN A 266 15.71 3.27 12.56
CA GLN A 266 15.41 1.90 12.18
C GLN A 266 14.00 1.48 12.53
N GLU A 267 13.59 1.74 13.77
CA GLU A 267 12.27 1.34 14.21
C GLU A 267 11.17 1.98 13.35
N ILE A 268 11.37 3.25 13.04
CA ILE A 268 10.47 4.08 12.22
C ILE A 268 10.36 3.50 10.81
N TYR A 269 11.51 3.13 10.24
CA TYR A 269 11.49 2.62 8.86
C TYR A 269 10.80 1.27 8.68
N LYS A 270 10.79 0.45 9.73
CA LYS A 270 10.04 -0.79 9.74
C LYS A 270 8.53 -0.63 9.68
N ASP A 271 8.03 0.56 10.03
CA ASP A 271 6.62 0.99 9.79
C ASP A 271 6.33 1.51 8.41
N LEU A 272 7.33 1.62 7.56
CA LEU A 272 7.09 2.06 6.19
C LEU A 272 7.10 0.88 5.23
N TYR A 273 7.37 1.12 3.95
CA TYR A 273 7.38 0.06 3.01
C TYR A 273 8.04 0.63 1.76
N ASN B 1 11.56 -23.06 5.14
CA ASN B 1 11.03 -21.80 5.71
C ASN B 1 9.84 -21.29 4.86
N LEU B 2 8.83 -20.72 5.52
CA LEU B 2 7.52 -20.42 4.92
C LEU B 2 7.35 -18.92 4.59
N GLY B 3 7.18 -18.60 3.31
CA GLY B 3 7.20 -17.22 2.85
C GLY B 3 5.81 -16.59 2.72
N LEU B 4 5.70 -15.76 1.71
CA LEU B 4 4.49 -14.99 1.47
C LEU B 4 3.33 -15.88 0.99
N GLU B 5 3.62 -16.85 0.11
CA GLU B 5 2.62 -17.75 -0.48
C GLU B 5 1.88 -18.52 0.61
N ASP B 6 2.64 -19.05 1.53
CA ASP B 6 2.12 -19.80 2.68
C ASP B 6 1.10 -19.03 3.54
N ILE B 7 1.37 -17.76 3.86
CA ILE B 7 0.46 -16.91 4.63
C ILE B 7 -0.80 -16.61 3.77
N ILE B 8 -0.61 -16.40 2.47
CA ILE B 8 -1.70 -16.23 1.54
C ILE B 8 -2.56 -17.50 1.50
N ARG B 9 -1.91 -18.68 1.37
CA ARG B 9 -2.57 -19.95 1.25
C ARG B 9 -3.33 -20.24 2.55
N LYS B 10 -2.69 -20.03 3.70
CA LYS B 10 -3.37 -20.16 5.03
C LYS B 10 -4.55 -19.24 5.23
N ALA B 11 -4.47 -17.99 4.75
CA ALA B 11 -5.63 -17.10 4.79
C ALA B 11 -6.76 -17.47 3.80
N LEU B 12 -6.46 -17.90 2.56
CA LEU B 12 -7.47 -18.47 1.66
C LEU B 12 -8.24 -19.69 2.22
N MET B 13 -7.62 -20.49 3.07
CA MET B 13 -8.25 -21.73 3.58
C MET B 13 -9.12 -21.52 4.84
C10 EEY C . 10.35 -2.92 1.87
N12 EEY C . 9.56 -2.78 0.81
C13 EEY C . 9.36 -3.69 -0.19
C15 EEY C . 9.64 -5.78 -1.36
C17 EEY C . 8.24 -4.19 -2.26
C01 EEY C . 10.98 0.44 4.32
C02 EEY C . 10.45 -0.70 4.91
C03 EEY C . 10.20 -1.85 4.18
C04 EEY C . 10.51 -1.81 2.80
C05 EEY C . 11.04 -0.68 2.21
C06 EEY C . 11.26 0.45 2.95
C14 EEY C . 9.95 -4.96 -0.31
C18 EEY C . 8.50 -3.33 -1.21
N07 EEY C . 11.80 1.57 2.28
N16 EEY C . 8.79 -5.39 -2.30
O08 EEY C . 12.37 2.55 3.07
O09 EEY C . 11.90 1.69 0.88
O11 EEY C . 11.00 -3.88 2.15
S CXS D . 2.34 -2.98 12.86
O1 CXS D . 3.71 -3.22 13.15
O2 CXS D . 1.57 -4.28 13.45
O3 CXS D . 1.98 -1.76 13.52
C1 CXS D . 2.02 -2.77 11.21
C2 CXS D . 2.98 -1.69 10.71
C3 CXS D . 3.16 -1.41 9.20
N CXS D . 1.97 -1.48 8.40
C4 CXS D . 1.87 -0.42 7.36
C5 CXS D . 0.48 -0.55 6.68
C6 CXS D . 0.54 -0.62 5.15
C7 CXS D . 1.46 0.49 4.65
C8 CXS D . 2.92 0.22 5.04
C9 CXS D . 3.09 -0.48 6.42
S CXS E . 13.48 -11.15 2.49
O1 CXS E . 13.42 -11.69 1.16
O2 CXS E . 14.88 -11.67 3.16
O3 CXS E . 13.36 -9.72 2.38
C1 CXS E . 12.29 -11.62 3.53
C2 CXS E . 10.99 -11.69 2.78
C3 CXS E . 9.86 -11.51 3.76
N CXS E . 8.87 -12.55 3.47
C4 CXS E . 7.73 -12.47 4.38
C5 CXS E . 7.31 -13.91 4.58
C6 CXS E . 6.28 -13.95 5.71
C7 CXS E . 5.06 -13.21 5.22
C8 CXS E . 5.34 -11.76 4.76
C9 CXS E . 6.55 -11.66 3.83
S SO4 F . 8.45 -15.23 -0.11
O1 SO4 F . 7.64 -16.46 -0.37
O2 SO4 F . 9.90 -15.53 0.00
O3 SO4 F . 8.06 -14.60 1.16
O4 SO4 F . 8.23 -14.27 -1.21
#